data_5G24
#
_entry.id   5G24
#
_cell.length_a   116.830
_cell.length_b   32.170
_cell.length_c   108.120
_cell.angle_alpha   90.00
_cell.angle_beta   115.51
_cell.angle_gamma   90.00
#
_symmetry.space_group_name_H-M   'C 1 2 1'
#
loop_
_entity.id
_entity.type
_entity.pdbx_description
1 polymer 'TYPE-IV LIKE PILIN TTHA1219'
2 water water
#
_entity_poly.entity_id   1
_entity_poly.type   'polypeptide(L)'
_entity_poly.pdbx_seq_one_letter_code
;MRRHGFSLLELLLASVLMGSLLLVVLALENSSATLRERERARGRLADELSLTATVLARELYTVGYRLTGQALVLSPSSQG
DGVQGWFLCEAGMEEICGESMGEVRGTGYEVNQGALRWGACKGEGCAPLPNNPVLGGDEVQVEAFRVAYLEGGTWKRQAQ
AVNLRPEGASPKVSALALYLLASVPVRGGAPAFTPGSTLSYPPGLTSSLLELPGAPNDGRLRAEKLWIVQTPNLAR
;
_entity_poly.pdbx_strand_id   A,B
#
# COMPACT_ATOMS: atom_id res chain seq x y z
N ALA A 33 4.65 -2.46 30.66
CA ALA A 33 5.28 -3.07 29.46
C ALA A 33 6.79 -2.87 29.50
N THR A 34 7.58 -3.92 29.24
CA THR A 34 9.07 -3.79 29.14
C THR A 34 9.46 -2.92 27.97
N LEU A 35 10.73 -2.50 27.92
CA LEU A 35 11.20 -1.70 26.81
C LEU A 35 11.04 -2.51 25.51
N ARG A 36 11.56 -3.74 25.49
CA ARG A 36 11.43 -4.68 24.35
C ARG A 36 10.01 -4.79 23.79
N GLU A 37 9.01 -4.86 24.65
CA GLU A 37 7.67 -5.14 24.19
C GLU A 37 7.21 -3.92 23.50
N ARG A 38 7.52 -2.75 24.05
CA ARG A 38 7.14 -1.50 23.49
C ARG A 38 7.81 -1.22 22.15
N GLU A 39 9.04 -1.65 22.01
CA GLU A 39 9.77 -1.53 20.78
C GLU A 39 9.19 -2.36 19.68
N ARG A 40 8.93 -3.62 19.99
CA ARG A 40 8.26 -4.51 19.09
C ARG A 40 6.94 -3.95 18.64
N ALA A 41 6.13 -3.55 19.56
CA ALA A 41 4.80 -3.07 19.27
C ALA A 41 4.86 -1.82 18.43
N ARG A 42 5.80 -0.94 18.75
CA ARG A 42 5.96 0.34 18.02
C ARG A 42 6.47 0.12 16.57
N GLY A 43 7.45 -0.72 16.41
CA GLY A 43 7.96 -1.12 15.07
C GLY A 43 6.89 -1.68 14.13
N ARG A 44 6.06 -2.54 14.71
CA ARG A 44 4.99 -3.12 13.97
C ARG A 44 3.93 -2.09 13.57
N LEU A 45 3.57 -1.23 14.52
CA LEU A 45 2.58 -0.21 14.23
C LEU A 45 3.11 0.77 13.14
N ALA A 46 4.36 1.13 13.25
CA ALA A 46 4.99 2.10 12.33
C ALA A 46 4.98 1.51 10.90
N ASP A 47 5.24 0.23 10.78
CA ASP A 47 5.19 -0.50 9.49
C ASP A 47 3.79 -0.47 8.94
N GLU A 48 2.75 -0.64 9.76
CA GLU A 48 1.33 -0.49 9.30
C GLU A 48 1.03 0.89 8.78
N LEU A 49 1.51 1.88 9.50
CA LEU A 49 1.36 3.30 9.07
C LEU A 49 2.04 3.58 7.78
N SER A 50 3.21 2.96 7.58
CA SER A 50 3.94 3.13 6.33
C SER A 50 3.26 2.50 5.18
N LEU A 51 2.81 1.27 5.36
CA LEU A 51 2.02 0.59 4.28
C LEU A 51 0.79 1.50 3.89
N THR A 52 0.16 2.05 4.90
CA THR A 52 -1.07 2.78 4.72
C THR A 52 -0.77 4.02 3.92
N ALA A 53 0.32 4.69 4.29
CA ALA A 53 0.74 5.92 3.62
C ALA A 53 1.06 5.62 2.17
N THR A 54 1.63 4.45 1.88
CA THR A 54 1.97 4.13 0.49
C THR A 54 0.66 3.93 -0.31
N VAL A 55 -0.31 3.24 0.28
CA VAL A 55 -1.60 3.04 -0.35
C VAL A 55 -2.29 4.37 -0.66
N LEU A 56 -2.37 5.24 0.33
CA LEU A 56 -2.94 6.56 0.13
C LEU A 56 -2.16 7.42 -0.85
N ALA A 57 -0.86 7.44 -0.74
CA ALA A 57 -0.03 8.28 -1.65
C ALA A 57 -0.20 7.92 -3.09
N ARG A 58 -0.14 6.64 -3.39
CA ARG A 58 -0.29 6.21 -4.79
C ARG A 58 -1.66 6.53 -5.33
N GLU A 59 -2.68 6.42 -4.52
CA GLU A 59 -4.05 6.79 -4.90
C GLU A 59 -4.16 8.33 -5.12
N LEU A 60 -3.65 9.11 -4.18
CA LEU A 60 -3.80 10.58 -4.28
C LEU A 60 -2.91 11.24 -5.32
N TYR A 61 -1.77 10.63 -5.64
CA TYR A 61 -0.93 11.09 -6.67
C TYR A 61 -1.68 11.18 -8.00
N THR A 62 -2.60 10.26 -8.25
CA THR A 62 -3.33 10.22 -9.51
C THR A 62 -4.49 11.23 -9.61
N VAL A 63 -4.90 11.81 -8.52
CA VAL A 63 -6.04 12.64 -8.50
C VAL A 63 -5.85 13.76 -9.50
N GLY A 64 -6.93 14.06 -10.21
CA GLY A 64 -6.91 15.03 -11.32
C GLY A 64 -6.38 14.51 -12.66
N TYR A 65 -5.94 13.26 -12.73
CA TYR A 65 -5.37 12.75 -13.96
C TYR A 65 -6.37 12.85 -15.12
N ARG A 66 -5.99 13.70 -16.07
CA ARG A 66 -6.65 13.79 -17.37
C ARG A 66 -8.13 14.21 -17.22
N LEU A 67 -8.41 14.91 -16.13
CA LEU A 67 -9.76 15.25 -15.75
C LEU A 67 -9.99 16.73 -16.00
N THR A 68 -11.22 17.04 -16.39
CA THR A 68 -11.76 18.37 -16.35
C THR A 68 -12.91 18.37 -15.32
N GLY A 69 -13.02 19.42 -14.51
CA GLY A 69 -14.10 19.56 -13.53
C GLY A 69 -13.51 19.44 -12.16
N GLN A 70 -14.34 19.02 -11.21
CA GLN A 70 -13.95 18.95 -9.79
C GLN A 70 -13.05 17.73 -9.45
N ALA A 71 -11.84 18.00 -8.98
CA ALA A 71 -10.79 16.99 -8.88
C ALA A 71 -10.45 16.68 -7.47
N LEU A 72 -10.67 17.61 -6.56
CA LEU A 72 -10.35 17.37 -5.12
C LEU A 72 -11.19 18.23 -4.24
N VAL A 73 -11.63 17.65 -3.14
CA VAL A 73 -12.36 18.39 -2.11
C VAL A 73 -11.73 17.99 -0.76
N LEU A 74 -11.28 18.97 -0.01
CA LEU A 74 -10.76 18.83 1.32
C LEU A 74 -11.88 19.34 2.29
N SER A 75 -12.18 18.51 3.31
CA SER A 75 -13.14 18.83 4.39
C SER A 75 -12.50 18.70 5.77
N PRO A 76 -11.75 19.71 6.18
CA PRO A 76 -11.05 19.59 7.49
C PRO A 76 -11.91 20.00 8.67
N SER A 77 -11.58 19.52 9.83
CA SER A 77 -12.13 20.10 11.07
C SER A 77 -11.11 19.99 12.19
N SER A 78 -11.41 20.68 13.28
CA SER A 78 -10.55 20.57 14.49
C SER A 78 -10.51 19.14 15.11
N GLN A 79 -11.49 18.31 14.78
CA GLN A 79 -11.53 16.92 15.24
C GLN A 79 -11.11 15.92 14.15
N GLY A 80 -10.86 16.42 12.95
CA GLY A 80 -10.32 15.60 11.88
C GLY A 80 -10.89 15.84 10.54
N ASP A 81 -10.28 15.21 9.55
CA ASP A 81 -10.43 15.60 8.15
C ASP A 81 -10.95 14.42 7.24
N GLY A 82 -11.56 14.83 6.17
CA GLY A 82 -11.98 14.01 5.09
C GLY A 82 -11.40 14.62 3.79
N VAL A 83 -11.12 13.78 2.83
CA VAL A 83 -10.53 14.17 1.56
C VAL A 83 -11.16 13.28 0.52
N GLN A 84 -11.63 13.90 -0.57
CA GLN A 84 -12.15 13.23 -1.77
C GLN A 84 -11.48 13.71 -3.05
N GLY A 85 -11.30 12.80 -3.99
CA GLY A 85 -10.61 13.07 -5.23
C GLY A 85 -11.15 12.29 -6.42
N TRP A 86 -10.95 12.83 -7.62
CA TRP A 86 -11.45 12.23 -8.88
C TRP A 86 -10.39 12.24 -9.94
N PHE A 87 -10.48 11.26 -10.85
CA PHE A 87 -9.47 11.09 -11.90
C PHE A 87 -10.04 10.33 -13.10
N LEU A 88 -9.42 10.51 -14.27
CA LEU A 88 -9.75 9.69 -15.44
C LEU A 88 -9.00 8.34 -15.40
N CYS A 89 -9.75 7.24 -15.59
CA CYS A 89 -9.17 5.93 -15.90
C CYS A 89 -8.76 5.79 -17.34
N GLU A 90 -7.48 5.54 -17.54
CA GLU A 90 -7.00 4.90 -18.78
C GLU A 90 -6.79 3.44 -18.46
N ALA A 91 -7.58 2.56 -19.08
CA ALA A 91 -7.43 1.09 -18.83
C ALA A 91 -6.01 0.71 -19.26
N GLY A 92 -5.31 -0.07 -18.45
CA GLY A 92 -3.85 -0.28 -18.57
C GLY A 92 -2.96 0.41 -17.53
N MET A 93 -3.50 1.40 -16.83
CA MET A 93 -2.73 2.13 -15.77
C MET A 93 -2.95 1.59 -14.35
N GLU A 94 -4.18 1.21 -14.04
CA GLU A 94 -4.63 0.85 -12.71
C GLU A 94 -5.49 -0.39 -12.86
N GLU A 95 -5.35 -1.34 -11.93
CA GLU A 95 -6.14 -2.60 -11.91
C GLU A 95 -7.66 -2.33 -11.91
N ILE A 96 -8.04 -1.41 -11.03
CA ILE A 96 -9.44 -1.00 -10.87
C ILE A 96 -10.11 -0.47 -12.16
N CYS A 97 -9.33 0.19 -13.03
CA CYS A 97 -9.76 0.56 -14.38
C CYS A 97 -9.63 -0.68 -15.22
N GLY A 102 -12.56 3.66 -20.36
CA GLY A 102 -12.14 5.08 -20.25
C GLY A 102 -13.10 6.06 -19.55
N GLU A 103 -13.09 6.07 -18.20
CA GLU A 103 -14.12 6.77 -17.37
C GLU A 103 -13.61 7.35 -16.04
N VAL A 104 -14.39 8.25 -15.45
CA VAL A 104 -14.02 8.93 -14.22
C VAL A 104 -14.26 8.08 -12.98
N ARG A 105 -13.32 8.18 -12.03
CA ARG A 105 -13.40 7.51 -10.77
C ARG A 105 -13.25 8.48 -9.58
N GLY A 106 -13.98 8.19 -8.52
CA GLY A 106 -13.88 8.93 -7.28
C GLY A 106 -13.32 8.09 -6.15
N THR A 107 -12.48 8.70 -5.36
CA THR A 107 -11.93 8.04 -4.17
C THR A 107 -12.08 8.98 -2.95
N GLY A 108 -12.26 8.42 -1.75
CA GLY A 108 -12.32 9.20 -0.51
C GLY A 108 -11.74 8.53 0.72
N TYR A 109 -11.37 9.33 1.71
CA TYR A 109 -10.86 8.80 2.99
C TYR A 109 -11.30 9.66 4.13
N GLU A 110 -11.62 9.03 5.23
CA GLU A 110 -11.75 9.71 6.53
C GLU A 110 -11.66 8.69 7.67
N VAL A 111 -11.51 9.17 8.90
CA VAL A 111 -11.45 8.31 10.07
C VAL A 111 -12.72 8.28 10.86
N ASN A 112 -13.25 7.09 11.09
CA ASN A 112 -14.33 6.97 12.01
C ASN A 112 -14.41 5.57 12.48
N GLN A 113 -15.10 5.39 13.59
CA GLN A 113 -15.24 4.13 14.27
C GLN A 113 -13.89 3.44 14.36
N GLY A 114 -12.88 4.20 14.77
CA GLY A 114 -11.50 3.70 15.02
C GLY A 114 -10.72 3.10 13.82
N ALA A 115 -11.19 3.41 12.62
CA ALA A 115 -10.55 3.01 11.42
C ALA A 115 -10.33 4.24 10.48
N LEU A 116 -9.21 4.24 9.76
CA LEU A 116 -9.12 4.94 8.51
C LEU A 116 -9.92 4.16 7.47
N ARG A 117 -10.78 4.86 6.75
CA ARG A 117 -11.76 4.19 5.86
C ARG A 117 -11.78 4.84 4.54
N TRP A 118 -12.11 4.05 3.56
CA TRP A 118 -11.96 4.36 2.14
C TRP A 118 -13.24 4.03 1.43
N GLY A 119 -13.63 4.93 0.53
CA GLY A 119 -14.70 4.63 -0.44
C GLY A 119 -14.32 4.98 -1.85
N ALA A 120 -15.00 4.36 -2.79
CA ALA A 120 -14.75 4.59 -4.22
C ALA A 120 -16.07 4.71 -4.96
N CYS A 121 -16.00 5.21 -6.19
CA CYS A 121 -17.15 5.34 -7.06
C CYS A 121 -16.69 5.59 -8.46
N LYS A 122 -17.63 5.39 -9.40
CA LYS A 122 -17.47 5.65 -10.83
C LYS A 122 -18.38 6.81 -11.29
N GLY A 123 -17.96 7.53 -12.31
CA GLY A 123 -18.79 8.60 -12.92
C GLY A 123 -18.40 9.98 -12.46
N GLU A 124 -18.64 10.98 -13.29
CA GLU A 124 -18.22 12.35 -13.05
C GLU A 124 -18.86 12.86 -11.74
N GLY A 125 -18.08 13.48 -10.88
CA GLY A 125 -18.55 13.93 -9.55
C GLY A 125 -19.40 12.94 -8.72
N CYS A 126 -19.20 11.63 -8.92
CA CYS A 126 -19.80 10.59 -8.06
C CYS A 126 -19.32 10.79 -6.60
N ALA A 127 -20.12 10.36 -5.67
CA ALA A 127 -19.78 10.45 -4.24
C ALA A 127 -19.15 9.13 -3.78
N PRO A 128 -17.88 9.14 -3.38
CA PRO A 128 -17.36 7.90 -2.85
C PRO A 128 -17.91 7.80 -1.47
N LEU A 129 -18.50 6.71 -1.00
CA LEU A 129 -18.82 6.71 0.48
C LEU A 129 -17.72 5.98 1.23
N PRO A 130 -16.83 6.70 2.02
CA PRO A 130 -15.80 5.93 2.75
C PRO A 130 -16.37 4.99 3.81
N ASN A 131 -16.50 3.72 3.39
CA ASN A 131 -17.00 2.54 4.17
C ASN A 131 -15.88 1.54 4.66
N ASN A 132 -15.11 1.05 3.68
CA ASN A 132 -14.20 -0.11 3.87
C ASN A 132 -12.95 0.23 4.66
N PRO A 133 -12.65 -0.49 5.72
CA PRO A 133 -11.45 -0.20 6.47
C PRO A 133 -10.12 -0.42 5.68
N VAL A 134 -9.22 0.47 5.86
CA VAL A 134 -7.87 0.40 5.34
C VAL A 134 -7.00 -0.06 6.49
N LEU A 135 -7.15 0.61 7.62
CA LEU A 135 -6.39 0.32 8.81
C LEU A 135 -7.30 0.65 10.06
N GLY A 136 -7.27 -0.28 11.01
CA GLY A 136 -7.86 -0.07 12.27
C GLY A 136 -9.22 -0.67 12.37
N GLY A 137 -9.88 -0.34 13.46
CA GLY A 137 -11.29 -0.68 13.66
C GLY A 137 -11.39 -1.84 14.59
N ASP A 138 -10.26 -2.33 15.11
CA ASP A 138 -10.32 -3.29 16.24
C ASP A 138 -9.10 -3.21 17.18
N GLU A 139 -8.09 -4.05 16.99
CA GLU A 139 -6.88 -3.98 17.76
C GLU A 139 -6.11 -2.64 17.55
N VAL A 140 -5.92 -2.28 16.31
CA VAL A 140 -5.40 -1.01 15.95
C VAL A 140 -6.62 -0.01 15.95
N GLN A 141 -6.43 1.13 16.57
CA GLN A 141 -7.39 2.24 16.57
C GLN A 141 -6.66 3.41 15.88
N VAL A 142 -7.24 3.92 14.81
CA VAL A 142 -6.79 5.15 14.21
C VAL A 142 -7.55 6.26 14.83
N GLU A 143 -6.85 7.23 15.41
CA GLU A 143 -7.43 8.27 16.22
C GLU A 143 -7.47 9.58 15.53
N ALA A 144 -6.63 9.83 14.53
CA ALA A 144 -6.62 11.15 13.93
C ALA A 144 -6.13 11.01 12.51
N PHE A 145 -6.72 11.82 11.61
CA PHE A 145 -6.28 12.01 10.24
C PHE A 145 -6.37 13.52 9.95
N ARG A 146 -5.33 14.09 9.34
CA ARG A 146 -5.30 15.46 8.93
C ARG A 146 -4.73 15.56 7.51
N VAL A 147 -5.28 16.49 6.72
CA VAL A 147 -4.81 16.76 5.37
C VAL A 147 -4.60 18.28 5.22
N ALA A 148 -3.41 18.66 4.77
CA ALA A 148 -3.14 20.02 4.31
C ALA A 148 -2.67 19.97 2.85
N TYR A 149 -2.67 21.14 2.20
CA TYR A 149 -2.26 21.25 0.77
C TYR A 149 -1.27 22.34 0.61
N LEU A 150 -0.34 22.15 -0.31
CA LEU A 150 0.62 23.18 -0.71
C LEU A 150 0.17 23.96 -1.98
N GLU A 151 0.05 25.28 -1.86
CA GLU A 151 -0.35 26.12 -2.94
C GLU A 151 0.67 27.25 -3.07
N GLY A 152 1.35 27.26 -4.19
CA GLY A 152 2.36 28.30 -4.54
C GLY A 152 3.26 28.62 -3.36
N GLY A 153 3.87 27.58 -2.80
CA GLY A 153 4.79 27.78 -1.68
C GLY A 153 4.16 27.99 -0.28
N THR A 154 2.84 28.16 -0.19
CA THR A 154 2.11 28.27 1.07
C THR A 154 1.31 27.03 1.45
N TRP A 155 1.53 26.49 2.65
CA TRP A 155 0.71 25.39 3.16
C TRP A 155 -0.62 25.92 3.62
N LYS A 156 -1.71 25.23 3.27
CA LYS A 156 -3.06 25.58 3.70
C LYS A 156 -3.86 24.37 4.12
N ARG A 157 -4.88 24.64 4.90
CA ARG A 157 -5.76 23.58 5.43
C ARG A 157 -7.12 24.21 5.71
N GLN A 158 -8.03 24.07 4.78
CA GLN A 158 -9.32 24.74 4.82
C GLN A 158 -10.28 24.03 3.91
N ALA A 159 -11.56 24.28 4.09
CA ALA A 159 -12.54 23.69 3.22
C ALA A 159 -12.21 24.21 1.83
N GLN A 160 -11.96 23.34 0.88
CA GLN A 160 -11.46 23.78 -0.45
C GLN A 160 -11.70 22.74 -1.47
N ALA A 161 -12.33 23.12 -2.58
CA ALA A 161 -12.46 22.32 -3.81
C ALA A 161 -11.41 22.77 -4.83
N VAL A 162 -10.93 21.83 -5.65
CA VAL A 162 -9.98 22.09 -6.70
C VAL A 162 -10.66 21.70 -8.00
N ASN A 163 -10.77 22.69 -8.89
CA ASN A 163 -11.38 22.49 -10.21
C ASN A 163 -10.34 22.62 -11.30
N LEU A 164 -10.39 21.65 -12.22
CA LEU A 164 -9.50 21.64 -13.41
C LEU A 164 -10.22 22.07 -14.64
N ARG A 165 -9.51 22.90 -15.42
CA ARG A 165 -9.83 23.26 -16.78
C ARG A 165 -8.61 22.88 -17.62
N PRO A 166 -8.77 22.81 -18.93
CA PRO A 166 -7.62 22.50 -19.77
C PRO A 166 -6.45 23.48 -19.57
N GLU A 167 -6.72 24.80 -19.49
CA GLU A 167 -5.70 25.82 -19.16
C GLU A 167 -4.95 25.49 -17.83
N GLY A 168 -5.68 24.99 -16.83
CA GLY A 168 -5.08 24.54 -15.58
C GLY A 168 -6.01 24.52 -14.38
N ALA A 169 -5.40 24.52 -13.22
CA ALA A 169 -6.06 24.17 -11.98
C ALA A 169 -6.40 25.38 -11.12
N SER A 170 -7.52 25.32 -10.41
CA SER A 170 -7.99 26.42 -9.56
C SER A 170 -8.48 25.90 -8.14
N PRO A 171 -7.67 26.04 -7.07
CA PRO A 171 -6.28 26.57 -7.08
C PRO A 171 -5.21 25.57 -7.54
N LYS A 172 -4.00 26.07 -7.75
CA LYS A 172 -2.80 25.28 -8.09
C LYS A 172 -2.18 24.52 -6.90
N VAL A 173 -2.51 23.25 -6.75
CA VAL A 173 -2.04 22.46 -5.67
C VAL A 173 -0.85 21.60 -6.04
N SER A 174 0.30 21.81 -5.44
CA SER A 174 1.52 21.07 -5.73
C SER A 174 1.60 19.78 -5.04
N ALA A 175 1.11 19.73 -3.81
CA ALA A 175 1.23 18.59 -2.93
C ALA A 175 0.19 18.60 -1.82
N LEU A 176 0.03 17.42 -1.21
CA LEU A 176 -0.68 17.22 -0.01
C LEU A 176 0.23 16.73 1.14
N ALA A 177 -0.11 17.13 2.35
CA ALA A 177 0.51 16.61 3.57
C ALA A 177 -0.53 15.78 4.31
N LEU A 178 -0.17 14.56 4.71
CA LEU A 178 -1.10 13.73 5.44
C LEU A 178 -0.55 13.33 6.77
N TYR A 179 -1.39 13.32 7.80
CA TYR A 179 -1.01 12.88 9.14
C TYR A 179 -1.97 11.84 9.65
N LEU A 180 -1.41 10.79 10.22
CA LEU A 180 -2.12 9.72 10.90
C LEU A 180 -1.59 9.47 12.35
N LEU A 181 -2.50 9.21 13.26
CA LEU A 181 -2.17 8.80 14.66
C LEU A 181 -2.92 7.55 14.93
N ALA A 182 -2.26 6.58 15.52
CA ALA A 182 -2.94 5.31 15.89
C ALA A 182 -2.37 4.70 17.14
N SER A 183 -3.13 3.78 17.69
CA SER A 183 -2.78 3.19 18.95
C SER A 183 -3.04 1.69 18.95
N VAL A 184 -2.24 0.98 19.75
CA VAL A 184 -2.49 -0.39 20.07
C VAL A 184 -2.36 -0.68 21.54
N PRO A 185 -2.99 -1.77 21.99
CA PRO A 185 -2.80 -2.19 23.36
C PRO A 185 -1.48 -2.83 23.51
N VAL A 186 -0.90 -2.73 24.67
CA VAL A 186 0.35 -3.37 24.95
C VAL A 186 0.26 -3.86 26.37
N ARG A 187 0.88 -5.02 26.59
CA ARG A 187 0.75 -5.73 27.88
C ARG A 187 1.42 -4.93 29.03
N GLY A 188 0.62 -4.62 30.03
CA GLY A 188 1.08 -3.81 31.17
C GLY A 188 1.11 -2.30 30.92
N GLY A 189 0.71 -1.87 29.71
CA GLY A 189 0.54 -0.44 29.45
C GLY A 189 1.82 0.18 28.97
N ALA A 190 1.70 1.13 28.05
CA ALA A 190 2.77 1.98 27.68
C ALA A 190 2.57 3.37 28.31
N PRO A 191 3.67 4.12 28.48
CA PRO A 191 3.52 5.51 28.92
C PRO A 191 2.86 6.43 27.90
N ALA A 192 2.39 7.54 28.40
CA ALA A 192 1.66 8.57 27.60
C ALA A 192 2.48 9.13 26.41
N PHE A 193 1.82 9.34 25.30
CA PHE A 193 2.39 9.87 24.09
C PHE A 193 1.89 11.27 23.79
N THR A 194 2.80 12.15 23.34
CA THR A 194 2.37 13.46 22.91
C THR A 194 2.29 13.50 21.40
N PRO A 195 1.12 13.72 20.85
CA PRO A 195 1.06 13.78 19.36
C PRO A 195 1.79 14.96 18.73
N GLY A 196 2.41 14.70 17.57
CA GLY A 196 3.32 15.64 16.92
C GLY A 196 4.76 15.56 17.37
N SER A 197 5.02 14.91 18.50
CA SER A 197 6.38 14.86 19.13
C SER A 197 7.43 14.22 18.25
N THR A 198 7.04 13.25 17.41
CA THR A 198 8.05 12.55 16.55
C THR A 198 8.25 13.15 15.17
N LEU A 199 7.48 14.18 14.87
CA LEU A 199 7.36 14.63 13.49
C LEU A 199 8.49 15.53 13.02
N SER A 200 8.80 15.38 11.76
CA SER A 200 9.71 16.20 11.01
C SER A 200 8.97 16.99 9.88
N TYR A 201 8.95 18.29 9.94
CA TYR A 201 8.05 19.09 9.09
C TYR A 201 8.80 19.61 7.85
N PRO A 202 8.14 19.64 6.71
CA PRO A 202 8.63 20.51 5.62
C PRO A 202 8.51 22.01 5.92
N PRO A 203 9.43 22.83 5.41
CA PRO A 203 9.35 24.33 5.51
C PRO A 203 7.90 24.86 5.30
N GLY A 204 7.43 25.67 6.23
CA GLY A 204 6.14 26.31 6.13
C GLY A 204 4.96 25.56 6.70
N LEU A 205 5.09 24.30 7.02
CA LEU A 205 4.03 23.53 7.60
C LEU A 205 4.22 23.49 9.09
N THR A 206 3.14 23.68 9.85
CA THR A 206 3.17 23.78 11.30
C THR A 206 2.09 22.99 11.96
N SER A 207 2.32 22.59 13.21
CA SER A 207 1.31 21.85 14.03
C SER A 207 0.02 22.65 14.12
N SER A 208 0.10 23.97 14.24
CA SER A 208 -1.14 24.79 14.42
C SER A 208 -2.01 24.76 13.18
N LEU A 209 -1.40 24.80 11.99
CA LEU A 209 -2.14 24.49 10.80
C LEU A 209 -2.87 23.12 10.82
N LEU A 210 -2.19 22.06 11.30
CA LEU A 210 -2.75 20.70 11.39
C LEU A 210 -3.75 20.42 12.49
N GLU A 211 -3.86 21.33 13.45
CA GLU A 211 -4.73 21.13 14.67
C GLU A 211 -4.63 19.70 15.20
N LEU A 212 -3.40 19.31 15.59
CA LEU A 212 -3.09 17.99 16.13
C LEU A 212 -3.86 17.69 17.46
N PRO A 213 -4.38 16.47 17.62
CA PRO A 213 -5.05 16.20 18.89
C PRO A 213 -4.12 15.98 20.13
N GLY A 214 -4.72 16.01 21.29
CA GLY A 214 -4.10 15.53 22.52
C GLY A 214 -4.25 13.99 22.50
N ALA A 215 -3.61 13.32 23.46
CA ALA A 215 -3.76 11.87 23.61
C ALA A 215 -3.88 11.62 25.06
N PRO A 216 -4.71 10.62 25.47
CA PRO A 216 -4.86 10.31 26.87
C PRO A 216 -3.66 9.45 27.33
N ASN A 217 -3.41 9.40 28.63
CA ASN A 217 -2.45 8.48 29.25
C ASN A 217 -3.22 7.23 29.60
N ASP A 218 -3.72 6.53 28.55
CA ASP A 218 -4.59 5.41 28.72
C ASP A 218 -3.86 4.02 28.82
N GLY A 219 -2.54 4.01 28.75
CA GLY A 219 -1.81 2.75 28.65
C GLY A 219 -1.64 2.12 27.24
N ARG A 220 -2.29 2.69 26.22
CA ARG A 220 -2.10 2.27 24.85
C ARG A 220 -0.83 2.83 24.26
N LEU A 221 -0.19 2.06 23.38
CA LEU A 221 1.01 2.55 22.69
C LEU A 221 0.55 3.24 21.41
N ARG A 222 1.13 4.41 21.11
CA ARG A 222 0.85 5.25 19.98
C ARG A 222 2.00 5.48 19.04
N ALA A 223 1.67 5.61 17.75
CA ALA A 223 2.60 6.01 16.83
C ALA A 223 1.93 6.91 15.77
N GLU A 224 2.72 7.65 15.03
CA GLU A 224 2.18 8.58 14.08
C GLU A 224 3.06 8.69 12.82
N LYS A 225 2.51 9.26 11.79
CA LYS A 225 3.26 9.55 10.57
C LYS A 225 2.70 10.80 9.88
N LEU A 226 3.60 11.69 9.54
CA LEU A 226 3.34 12.74 8.61
C LEU A 226 4.04 12.33 7.27
N TRP A 227 3.37 12.44 6.16
CA TRP A 227 4.03 12.26 4.85
C TRP A 227 3.41 13.13 3.78
N ILE A 228 4.19 13.33 2.73
CA ILE A 228 3.84 14.31 1.68
C ILE A 228 3.63 13.59 0.38
N VAL A 229 2.58 13.92 -0.37
CA VAL A 229 2.32 13.38 -1.68
C VAL A 229 2.26 14.52 -2.64
N GLN A 230 3.13 14.44 -3.63
CA GLN A 230 3.12 15.36 -4.76
C GLN A 230 1.83 15.15 -5.53
N THR A 231 1.23 16.26 -5.98
CA THR A 231 0.01 16.24 -6.78
C THR A 231 0.20 16.93 -8.20
N PRO A 232 1.16 16.45 -9.03
CA PRO A 232 1.39 17.11 -10.37
C PRO A 232 0.17 17.33 -11.24
N ASN A 233 -0.82 16.46 -11.15
CA ASN A 233 -2.08 16.66 -11.95
C ASN A 233 -2.90 17.84 -11.49
N LEU A 234 -2.81 18.23 -10.20
CA LEU A 234 -3.46 19.44 -9.70
C LEU A 234 -2.66 20.74 -9.89
N ALA A 235 -1.42 20.69 -10.32
CA ALA A 235 -0.59 21.92 -10.51
C ALA A 235 -0.32 22.15 -12.00
N ARG A 236 -1.38 22.01 -12.80
CA ARG A 236 -1.34 22.05 -14.27
C ARG A 236 -0.57 20.86 -14.76
N GLU B 39 -9.01 -14.35 16.40
CA GLU B 39 -8.99 -13.36 17.54
C GLU B 39 -9.04 -11.93 16.86
N ARG B 40 -8.93 -10.92 17.72
CA ARG B 40 -8.46 -9.58 17.35
C ARG B 40 -7.15 -9.68 16.57
N ALA B 41 -6.24 -10.53 17.04
CA ALA B 41 -4.92 -10.71 16.49
C ALA B 41 -5.00 -11.08 14.99
N ARG B 42 -5.87 -12.03 14.67
CA ARG B 42 -6.06 -12.58 13.29
C ARG B 42 -6.65 -11.54 12.32
N GLY B 43 -7.67 -10.83 12.77
CA GLY B 43 -8.21 -9.62 12.11
C GLY B 43 -7.15 -8.55 11.75
N ARG B 44 -6.31 -8.24 12.72
CA ARG B 44 -5.26 -7.28 12.51
C ARG B 44 -4.20 -7.80 11.50
N LEU B 45 -3.78 -9.03 11.65
CA LEU B 45 -2.74 -9.57 10.82
C LEU B 45 -3.27 -9.68 9.34
N ALA B 46 -4.53 -10.09 9.19
CA ALA B 46 -5.18 -10.19 7.88
C ALA B 46 -5.27 -8.80 7.20
N ASP B 47 -5.55 -7.78 7.99
CA ASP B 47 -5.48 -6.40 7.50
C ASP B 47 -4.07 -5.99 7.01
N GLU B 48 -2.97 -6.31 7.75
CA GLU B 48 -1.63 -6.09 7.30
C GLU B 48 -1.34 -6.80 5.88
N LEU B 49 -1.78 -8.03 5.75
CA LEU B 49 -1.60 -8.79 4.57
C LEU B 49 -2.35 -8.22 3.43
N SER B 50 -3.53 -7.69 3.69
CA SER B 50 -4.28 -6.99 2.67
C SER B 50 -3.59 -5.73 2.23
N LEU B 51 -3.18 -4.88 3.18
CA LEU B 51 -2.46 -3.65 2.80
C LEU B 51 -1.29 -4.01 1.89
N THR B 52 -0.60 -5.04 2.28
CA THR B 52 0.67 -5.42 1.64
C THR B 52 0.38 -5.88 0.19
N ALA B 53 -0.68 -6.67 0.02
CA ALA B 53 -1.16 -7.14 -1.22
C ALA B 53 -1.53 -5.98 -2.11
N THR B 54 -2.13 -4.95 -1.56
CA THR B 54 -2.57 -3.83 -2.38
C THR B 54 -1.35 -3.07 -2.88
N VAL B 55 -0.37 -2.88 -2.03
CA VAL B 55 0.86 -2.25 -2.43
C VAL B 55 1.53 -3.04 -3.55
N LEU B 56 1.73 -4.34 -3.35
CA LEU B 56 2.35 -5.19 -4.33
C LEU B 56 1.55 -5.27 -5.68
N ALA B 57 0.23 -5.43 -5.60
CA ALA B 57 -0.60 -5.50 -6.77
C ALA B 57 -0.56 -4.29 -7.66
N ARG B 58 -0.69 -3.12 -7.06
CA ARG B 58 -0.59 -1.84 -7.82
C ARG B 58 0.77 -1.67 -8.53
N GLU B 59 1.82 -2.06 -7.85
CA GLU B 59 3.15 -2.00 -8.41
C GLU B 59 3.31 -3.05 -9.59
N LEU B 60 2.89 -4.27 -9.38
CA LEU B 60 3.13 -5.34 -10.36
C LEU B 60 2.22 -5.27 -11.61
N TYR B 61 1.02 -4.70 -11.46
CA TYR B 61 0.12 -4.43 -12.58
C TYR B 61 0.77 -3.57 -13.65
N THR B 62 1.61 -2.62 -13.26
CA THR B 62 2.31 -1.75 -14.20
C THR B 62 3.55 -2.39 -14.91
N VAL B 63 4.06 -3.54 -14.43
CA VAL B 63 5.29 -4.11 -15.01
C VAL B 63 5.06 -4.28 -16.48
N GLY B 64 6.09 -3.93 -17.21
CA GLY B 64 6.06 -3.99 -18.68
C GLY B 64 5.41 -2.83 -19.37
N TYR B 65 4.89 -1.86 -18.62
CA TYR B 65 4.24 -0.68 -19.25
C TYR B 65 5.16 0.05 -20.22
N ARG B 66 4.78 -0.03 -21.48
CA ARG B 66 5.40 0.74 -22.58
C ARG B 66 6.90 0.41 -22.75
N LEU B 67 7.26 -0.79 -22.33
CA LEU B 67 8.66 -1.21 -22.24
C LEU B 67 8.99 -2.17 -23.38
N THR B 68 10.21 -2.08 -23.86
CA THR B 68 10.82 -3.11 -24.69
C THR B 68 12.03 -3.62 -23.92
N GLY B 69 12.22 -4.92 -23.90
CA GLY B 69 13.33 -5.54 -23.22
C GLY B 69 12.79 -6.33 -22.04
N GLN B 70 13.63 -6.57 -21.05
CA GLN B 70 13.33 -7.46 -19.98
C GLN B 70 12.37 -6.78 -19.01
N ALA B 71 11.21 -7.39 -18.83
CA ALA B 71 10.12 -6.80 -18.06
C ALA B 71 9.86 -7.44 -16.69
N LEU B 72 10.17 -8.73 -16.55
CA LEU B 72 9.91 -9.43 -15.31
C LEU B 72 10.90 -10.57 -15.22
N VAL B 73 11.32 -10.83 -14.02
CA VAL B 73 12.11 -12.03 -13.70
C VAL B 73 11.48 -12.62 -12.43
N LEU B 74 11.09 -13.88 -12.49
CA LEU B 74 10.66 -14.69 -11.34
C LEU B 74 11.84 -15.61 -10.93
N SER B 75 12.13 -15.63 -9.64
CA SER B 75 13.21 -16.46 -9.02
C SER B 75 12.66 -17.25 -7.86
N PRO B 76 11.96 -18.33 -8.14
CA PRO B 76 11.39 -19.10 -7.08
C PRO B 76 12.36 -20.07 -6.46
N SER B 77 12.11 -20.46 -5.23
CA SER B 77 12.82 -21.61 -4.64
C SER B 77 11.90 -22.31 -3.65
N SER B 78 12.29 -23.48 -3.25
CA SER B 78 11.55 -24.24 -2.26
C SER B 78 11.59 -23.55 -0.85
N GLN B 79 12.54 -22.64 -0.66
CA GLN B 79 12.60 -21.79 0.52
C GLN B 79 11.99 -20.42 0.32
N GLY B 80 11.56 -20.11 -0.89
CA GLY B 80 10.74 -18.85 -1.11
C GLY B 80 11.24 -18.07 -2.29
N ASP B 81 10.43 -17.09 -2.66
CA ASP B 81 10.48 -16.51 -4.00
C ASP B 81 10.86 -15.07 -4.02
N GLY B 82 11.41 -14.66 -5.14
CA GLY B 82 11.76 -13.27 -5.43
C GLY B 82 11.11 -12.95 -6.79
N VAL B 83 10.76 -11.71 -6.98
CA VAL B 83 10.17 -11.22 -8.17
C VAL B 83 10.68 -9.81 -8.43
N GLN B 84 11.14 -9.57 -9.67
CA GLN B 84 11.61 -8.29 -10.14
C GLN B 84 10.89 -7.92 -11.42
N GLY B 85 10.61 -6.63 -11.58
CA GLY B 85 9.88 -6.09 -12.74
C GLY B 85 10.31 -4.68 -13.16
N TRP B 86 10.10 -4.36 -14.41
CA TRP B 86 10.49 -3.07 -14.95
C TRP B 86 9.37 -2.47 -15.76
N PHE B 87 9.40 -1.16 -15.91
CA PHE B 87 8.36 -0.43 -16.62
C PHE B 87 8.80 0.96 -17.00
N LEU B 88 8.12 1.52 -17.99
CA LEU B 88 8.42 2.90 -18.43
C LEU B 88 7.61 3.90 -17.61
N CYS B 89 8.28 4.90 -17.06
CA CYS B 89 7.63 6.03 -16.41
C CYS B 89 7.12 7.06 -17.40
N GLU B 90 5.81 7.24 -17.39
CA GLU B 90 5.18 8.50 -17.82
C GLU B 90 4.82 9.28 -16.55
N ALA B 91 5.51 10.39 -16.30
CA ALA B 91 5.27 11.21 -15.09
C ALA B 91 3.80 11.70 -15.13
N GLY B 92 3.12 11.63 -13.98
CA GLY B 92 1.68 12.01 -13.84
C GLY B 92 0.70 10.87 -13.46
N MET B 93 1.07 9.64 -13.79
CA MET B 93 0.14 8.50 -13.69
C MET B 93 0.45 7.56 -12.50
N GLU B 94 1.73 7.45 -12.11
CA GLU B 94 2.18 6.57 -11.00
C GLU B 94 3.25 7.28 -10.21
N GLU B 95 3.14 7.11 -8.89
CA GLU B 95 3.75 8.01 -7.94
C GLU B 95 5.29 8.06 -8.05
N ILE B 96 5.87 6.86 -8.11
CA ILE B 96 7.35 6.64 -8.21
C ILE B 96 8.02 7.54 -9.29
N CYS B 97 7.27 7.79 -10.38
CA CYS B 97 7.68 8.61 -11.51
C CYS B 97 7.37 10.06 -11.26
N GLY B 102 10.39 10.51 -17.68
CA GLY B 102 10.26 9.69 -18.90
C GLY B 102 11.29 8.57 -19.13
N GLU B 103 11.45 7.70 -18.15
CA GLU B 103 12.58 6.72 -18.13
C GLU B 103 12.16 5.39 -17.47
N VAL B 104 12.98 4.36 -17.60
CA VAL B 104 12.69 2.99 -17.07
C VAL B 104 12.95 2.87 -15.57
N ARG B 105 12.11 2.12 -14.89
CA ARG B 105 12.24 1.85 -13.48
C ARG B 105 12.17 0.40 -13.19
N GLY B 106 12.91 0.00 -12.16
CA GLY B 106 12.85 -1.37 -11.65
C GLY B 106 12.30 -1.47 -10.23
N THR B 107 11.52 -2.51 -9.98
CA THR B 107 11.04 -2.79 -8.65
C THR B 107 11.26 -4.27 -8.31
N GLY B 108 11.45 -4.59 -7.03
CA GLY B 108 11.65 -5.99 -6.60
C GLY B 108 11.12 -6.32 -5.23
N TYR B 109 10.82 -7.58 -5.00
CA TYR B 109 10.42 -8.08 -3.68
C TYR B 109 10.95 -9.46 -3.37
N GLU B 110 11.38 -9.65 -2.12
CA GLU B 110 11.65 -11.01 -1.59
C GLU B 110 11.67 -11.00 -0.09
N VAL B 111 11.63 -12.19 0.51
CA VAL B 111 11.59 -12.37 1.95
C VAL B 111 12.97 -12.69 2.43
N ASN B 112 13.50 -11.88 3.34
CA ASN B 112 14.82 -12.05 4.00
C ASN B 112 14.64 -11.85 5.51
N GLN B 113 15.03 -12.85 6.29
CA GLN B 113 15.11 -12.75 7.75
C GLN B 113 13.79 -12.28 8.36
N GLY B 114 12.70 -12.92 7.89
CA GLY B 114 11.35 -12.75 8.39
C GLY B 114 10.60 -11.53 7.92
N ALA B 115 11.21 -10.74 7.04
CA ALA B 115 10.62 -9.54 6.43
C ALA B 115 10.42 -9.63 4.91
N LEU B 116 9.27 -9.19 4.43
CA LEU B 116 9.04 -8.99 3.01
C LEU B 116 9.77 -7.69 2.77
N ARG B 117 10.57 -7.64 1.75
CA ARG B 117 11.41 -6.50 1.49
C ARG B 117 11.34 -6.08 0.04
N TRP B 118 11.61 -4.82 -0.18
CA TRP B 118 11.38 -4.10 -1.40
C TRP B 118 12.56 -3.23 -1.75
N GLY B 119 12.86 -3.14 -3.05
CA GLY B 119 13.90 -2.30 -3.57
C GLY B 119 13.43 -1.70 -4.88
N ALA B 120 14.05 -0.58 -5.21
CA ALA B 120 13.76 0.15 -6.43
C ALA B 120 15.04 0.68 -7.10
N CYS B 121 14.93 0.98 -8.39
CA CYS B 121 16.06 1.45 -9.22
C CYS B 121 15.56 2.08 -10.46
N LYS B 122 16.44 2.86 -11.11
CA LYS B 122 16.19 3.54 -12.40
C LYS B 122 17.13 2.99 -13.48
N GLY B 123 16.69 3.04 -14.74
CA GLY B 123 17.51 2.64 -15.86
C GLY B 123 17.17 1.26 -16.35
N GLU B 124 17.43 1.02 -17.62
CA GLU B 124 17.06 -0.23 -18.27
C GLU B 124 17.79 -1.39 -17.59
N GLY B 125 17.03 -2.46 -17.34
CA GLY B 125 17.57 -3.63 -16.57
C GLY B 125 18.35 -3.36 -15.24
N CYS B 126 18.12 -2.20 -14.57
CA CYS B 126 18.78 -1.90 -13.31
C CYS B 126 18.36 -2.97 -12.31
N ALA B 127 19.17 -3.18 -11.29
CA ALA B 127 18.92 -4.19 -10.24
C ALA B 127 18.32 -3.53 -9.00
N PRO B 128 17.11 -3.94 -8.63
CA PRO B 128 16.52 -3.17 -7.55
C PRO B 128 17.11 -3.34 -6.10
N LEU B 129 17.70 -4.47 -5.78
CA LEU B 129 18.21 -4.80 -4.45
C LEU B 129 17.15 -4.51 -3.37
N PRO B 130 16.21 -5.46 -3.22
CA PRO B 130 15.23 -5.41 -2.17
C PRO B 130 15.84 -5.43 -0.78
N ASN B 131 15.91 -4.25 -0.20
CA ASN B 131 16.44 -4.12 1.15
C ASN B 131 15.46 -3.49 2.19
N ASN B 132 14.64 -2.50 1.82
CA ASN B 132 13.66 -1.85 2.74
C ASN B 132 12.47 -2.74 3.13
N PRO B 133 12.23 -2.97 4.43
CA PRO B 133 11.05 -3.74 4.86
C PRO B 133 9.69 -3.14 4.47
N VAL B 134 8.81 -3.98 4.08
CA VAL B 134 7.46 -3.66 3.79
C VAL B 134 6.71 -4.13 5.08
N LEU B 135 6.96 -5.37 5.46
CA LEU B 135 6.23 -6.08 6.48
C LEU B 135 7.20 -7.05 7.13
N GLY B 136 7.18 -7.07 8.45
CA GLY B 136 7.81 -8.13 9.18
C GLY B 136 9.26 -7.86 9.48
N GLY B 137 9.89 -8.87 10.04
CA GLY B 137 11.26 -8.78 10.56
C GLY B 137 11.39 -8.56 12.06
N ASP B 138 10.27 -8.49 12.78
CA ASP B 138 10.32 -8.49 14.26
C ASP B 138 9.07 -9.17 14.84
N GLU B 139 8.06 -8.41 15.27
CA GLU B 139 6.87 -9.03 15.87
C GLU B 139 6.14 -9.89 14.83
N VAL B 140 5.96 -9.31 13.66
CA VAL B 140 5.39 -10.03 12.51
C VAL B 140 6.59 -10.71 11.88
N GLN B 141 6.39 -11.99 11.58
CA GLN B 141 7.36 -12.81 10.83
C GLN B 141 6.74 -13.31 9.54
N VAL B 142 7.31 -12.92 8.42
CA VAL B 142 6.81 -13.31 7.09
C VAL B 142 7.56 -14.58 6.80
N GLU B 143 6.83 -15.69 6.75
CA GLU B 143 7.44 -17.01 6.73
C GLU B 143 7.49 -17.60 5.35
N ALA B 144 6.67 -17.07 4.42
CA ALA B 144 6.66 -17.55 3.07
C ALA B 144 6.12 -16.46 2.13
N PHE B 145 6.78 -16.30 0.99
CA PHE B 145 6.32 -15.52 -0.14
C PHE B 145 6.51 -16.41 -1.34
N ARG B 146 5.46 -16.54 -2.15
CA ARG B 146 5.48 -17.35 -3.32
C ARG B 146 4.84 -16.61 -4.48
N VAL B 147 5.36 -16.81 -5.70
CA VAL B 147 4.84 -16.16 -6.91
C VAL B 147 4.74 -17.21 -8.01
N ALA B 148 3.57 -17.29 -8.61
CA ALA B 148 3.38 -18.08 -9.77
C ALA B 148 2.83 -17.18 -10.85
N TYR B 149 2.92 -17.68 -12.14
CA TYR B 149 2.42 -16.94 -13.26
C TYR B 149 1.51 -17.74 -14.11
N LEU B 150 0.54 -17.04 -14.74
CA LEU B 150 -0.41 -17.65 -15.63
C LEU B 150 0.00 -17.44 -17.13
N GLU B 151 0.19 -18.56 -17.86
CA GLU B 151 0.62 -18.54 -19.27
C GLU B 151 -0.33 -19.37 -20.10
N GLY B 152 -1.08 -18.69 -20.96
CA GLY B 152 -2.11 -19.31 -21.81
C GLY B 152 -2.96 -20.37 -21.13
N GLY B 153 -3.55 -19.99 -20.01
CA GLY B 153 -4.40 -20.91 -19.22
C GLY B 153 -3.70 -21.87 -18.25
N THR B 154 -2.37 -22.01 -18.33
CA THR B 154 -1.60 -22.87 -17.39
C THR B 154 -0.81 -22.08 -16.29
N TRP B 155 -1.00 -22.45 -15.02
CA TRP B 155 -0.22 -21.85 -13.92
C TRP B 155 1.16 -22.47 -13.86
N LYS B 156 2.19 -21.64 -13.75
CA LYS B 156 3.57 -22.11 -13.70
C LYS B 156 4.32 -21.41 -12.61
N ARG B 157 5.42 -22.02 -12.21
CA ARG B 157 6.25 -21.46 -11.18
C ARG B 157 7.63 -21.99 -11.41
N GLN B 158 8.47 -21.18 -12.03
CA GLN B 158 9.83 -21.58 -12.40
C GLN B 158 10.69 -20.34 -12.61
N ALA B 159 11.99 -20.48 -12.57
CA ALA B 159 12.91 -19.44 -12.94
C ALA B 159 12.54 -19.03 -14.38
N GLN B 160 12.17 -17.76 -14.56
CA GLN B 160 11.67 -17.33 -15.85
C GLN B 160 11.79 -15.82 -15.96
N ALA B 161 12.42 -15.36 -17.05
CA ALA B 161 12.39 -13.96 -17.51
C ALA B 161 11.32 -13.77 -18.61
N VAL B 162 10.71 -12.57 -18.62
CA VAL B 162 9.74 -12.15 -19.59
C VAL B 162 10.34 -10.98 -20.37
N ASN B 163 10.45 -11.15 -21.68
CA ASN B 163 10.99 -10.14 -22.55
C ASN B 163 9.91 -9.63 -23.44
N LEU B 164 9.89 -8.31 -23.62
CA LEU B 164 8.93 -7.64 -24.49
C LEU B 164 9.64 -7.14 -25.67
N ARG B 165 9.03 -7.42 -26.81
CA ARG B 165 9.59 -7.10 -28.12
C ARG B 165 8.48 -6.67 -29.05
N PRO B 166 8.86 -6.09 -30.18
CA PRO B 166 7.84 -5.77 -31.17
C PRO B 166 6.92 -6.93 -31.55
N GLU B 167 7.47 -8.11 -31.79
CA GLU B 167 6.68 -9.34 -32.00
C GLU B 167 5.64 -9.49 -30.89
N GLY B 168 6.06 -9.26 -29.65
CA GLY B 168 5.18 -9.45 -28.49
C GLY B 168 5.92 -9.80 -27.20
N ALA B 169 5.22 -10.38 -26.24
CA ALA B 169 5.83 -10.79 -24.98
C ALA B 169 6.28 -12.24 -25.09
N SER B 170 7.38 -12.57 -24.42
CA SER B 170 7.93 -13.92 -24.43
C SER B 170 8.39 -14.30 -23.04
N PRO B 171 7.68 -15.19 -22.34
CA PRO B 171 6.37 -15.72 -22.69
C PRO B 171 5.21 -14.75 -22.43
N LYS B 172 4.01 -15.12 -22.92
CA LYS B 172 2.79 -14.38 -22.70
C LYS B 172 2.24 -14.63 -21.32
N VAL B 173 2.43 -13.67 -20.42
CA VAL B 173 1.93 -13.78 -19.01
C VAL B 173 0.67 -13.00 -18.81
N SER B 174 -0.42 -13.65 -18.50
CA SER B 174 -1.67 -12.98 -18.27
C SER B 174 -1.77 -12.42 -16.84
N ALA B 175 -1.24 -13.14 -15.87
CA ALA B 175 -1.44 -12.78 -14.41
C ALA B 175 -0.37 -13.42 -13.57
N LEU B 176 -0.23 -12.85 -12.37
CA LEU B 176 0.55 -13.43 -11.29
C LEU B 176 -0.33 -13.82 -10.11
N ALA B 177 0.08 -14.90 -9.42
CA ALA B 177 -0.51 -15.31 -8.20
C ALA B 177 0.53 -15.07 -7.12
N LEU B 178 0.11 -14.47 -6.00
CA LEU B 178 1.04 -14.18 -4.93
C LEU B 178 0.49 -14.73 -3.64
N TYR B 179 1.40 -15.25 -2.85
CA TYR B 179 1.04 -15.82 -1.59
C TYR B 179 1.97 -15.25 -0.51
N LEU B 180 1.33 -14.96 0.61
CA LEU B 180 2.03 -14.61 1.85
C LEU B 180 1.52 -15.44 3.03
N LEU B 181 2.46 -15.90 3.83
CA LEU B 181 2.17 -16.47 5.14
C LEU B 181 2.94 -15.66 6.18
N ALA B 182 2.27 -15.41 7.30
CA ALA B 182 2.91 -14.68 8.41
C ALA B 182 2.40 -15.08 9.73
N SER B 183 3.21 -14.82 10.72
CA SER B 183 2.85 -15.19 12.09
C SER B 183 3.13 -14.08 13.10
N VAL B 184 2.33 -14.06 14.17
CA VAL B 184 2.55 -13.21 15.30
C VAL B 184 2.43 -13.98 16.60
N PRO B 185 3.10 -13.51 17.68
CA PRO B 185 2.91 -14.08 19.00
C PRO B 185 1.58 -13.73 19.57
N VAL B 186 0.99 -14.64 20.28
CA VAL B 186 -0.31 -14.34 20.91
C VAL B 186 -0.32 -14.91 22.34
N ARG B 187 -1.00 -14.23 23.23
CA ARG B 187 -0.98 -14.57 24.63
C ARG B 187 -1.66 -15.94 24.86
N GLY B 188 -0.91 -16.85 25.49
CA GLY B 188 -1.39 -18.21 25.72
C GLY B 188 -1.30 -19.16 24.49
N GLY B 189 -0.78 -18.67 23.39
CA GLY B 189 -0.58 -19.49 22.23
C GLY B 189 -1.86 -19.66 21.43
N ALA B 190 -1.71 -20.00 20.17
CA ALA B 190 -2.81 -20.29 19.30
C ALA B 190 -2.76 -21.72 18.72
N PRO B 191 -3.93 -22.24 18.28
CA PRO B 191 -3.96 -23.60 17.79
C PRO B 191 -3.30 -23.70 16.42
N ALA B 192 -2.97 -24.93 16.09
CA ALA B 192 -2.13 -25.24 14.96
C ALA B 192 -2.76 -24.77 13.63
N PHE B 193 -1.88 -24.25 12.78
CA PHE B 193 -2.26 -23.76 11.50
C PHE B 193 -1.65 -24.63 10.41
N THR B 194 -2.51 -25.03 9.49
CA THR B 194 -2.01 -25.75 8.28
C THR B 194 -1.99 -24.78 7.05
N PRO B 195 -0.79 -24.33 6.63
CA PRO B 195 -0.73 -23.39 5.52
C PRO B 195 -1.45 -23.90 4.18
N GLY B 196 -2.10 -23.03 3.47
CA GLY B 196 -3.02 -23.40 2.41
C GLY B 196 -4.45 -23.67 2.79
N SER B 197 -4.75 -23.86 4.09
CA SER B 197 -6.10 -24.26 4.55
C SER B 197 -7.21 -23.25 4.33
N THR B 198 -6.86 -21.97 4.39
CA THR B 198 -7.87 -20.90 4.23
C THR B 198 -8.01 -20.42 2.78
N LEU B 199 -7.23 -21.02 1.87
CA LEU B 199 -7.13 -20.51 0.51
C LEU B 199 -8.25 -21.02 -0.34
N SER B 200 -8.65 -20.13 -1.22
CA SER B 200 -9.50 -20.44 -2.33
C SER B 200 -8.67 -20.35 -3.65
N TYR B 201 -8.52 -21.45 -4.35
CA TYR B 201 -7.60 -21.51 -5.51
C TYR B 201 -8.28 -21.35 -6.85
N PRO B 202 -7.66 -20.58 -7.74
CA PRO B 202 -8.20 -20.57 -9.10
C PRO B 202 -7.96 -21.96 -9.76
N PRO B 203 -8.86 -22.40 -10.66
CA PRO B 203 -8.59 -23.59 -11.45
C PRO B 203 -7.12 -23.71 -11.91
N GLY B 204 -6.53 -24.86 -11.58
CA GLY B 204 -5.17 -25.17 -12.04
C GLY B 204 -4.04 -24.84 -11.10
N LEU B 205 -4.30 -24.00 -10.12
CA LEU B 205 -3.28 -23.55 -9.17
C LEU B 205 -3.40 -24.36 -7.89
N THR B 206 -2.29 -24.86 -7.39
CA THR B 206 -2.28 -25.82 -6.28
C THR B 206 -1.27 -25.40 -5.23
N SER B 207 -1.48 -25.84 -4.00
CA SER B 207 -0.42 -25.82 -2.98
C SER B 207 0.92 -26.46 -3.30
N SER B 208 0.90 -27.58 -4.02
CA SER B 208 2.13 -28.20 -4.45
C SER B 208 2.93 -27.33 -5.42
N LEU B 209 2.29 -26.73 -6.43
CA LEU B 209 2.97 -25.77 -7.35
C LEU B 209 3.65 -24.66 -6.55
N LEU B 210 2.93 -24.17 -5.54
CA LEU B 210 3.42 -23.08 -4.64
C LEU B 210 4.44 -23.51 -3.57
N GLU B 211 4.65 -24.82 -3.37
CA GLU B 211 5.58 -25.40 -2.40
C GLU B 211 5.30 -24.72 -1.10
N LEU B 212 4.05 -24.83 -0.69
CA LEU B 212 3.60 -24.24 0.56
C LEU B 212 4.28 -24.90 1.75
N PRO B 213 4.68 -24.10 2.74
CA PRO B 213 5.50 -24.70 3.82
C PRO B 213 4.60 -25.40 4.78
N GLY B 214 5.23 -26.21 5.61
CA GLY B 214 4.59 -26.68 6.86
C GLY B 214 4.57 -25.49 7.83
N ALA B 215 3.86 -25.63 8.92
CA ALA B 215 3.98 -24.66 10.02
C ALA B 215 4.18 -25.41 11.28
N PRO B 216 5.13 -24.94 12.13
CA PRO B 216 5.30 -25.62 13.44
C PRO B 216 4.13 -25.33 14.39
N ASN B 217 3.96 -26.19 15.37
CA ASN B 217 3.01 -25.97 16.44
C ASN B 217 3.76 -25.22 17.53
N ASP B 218 4.12 -24.00 17.23
CA ASP B 218 4.96 -23.19 18.11
C ASP B 218 4.16 -22.21 18.99
N GLY B 219 2.83 -22.23 18.90
CA GLY B 219 2.01 -21.26 19.61
C GLY B 219 1.73 -19.92 18.90
N ARG B 220 2.37 -19.68 17.73
CA ARG B 220 2.19 -18.42 17.03
C ARG B 220 0.93 -18.44 16.22
N LEU B 221 0.24 -17.30 16.14
CA LEU B 221 -0.96 -17.17 15.34
C LEU B 221 -0.58 -16.77 13.91
N ARG B 222 -1.13 -17.51 12.96
CA ARG B 222 -0.81 -17.45 11.53
C ARG B 222 -1.99 -16.98 10.67
N ALA B 223 -1.66 -16.20 9.66
CA ALA B 223 -2.63 -15.89 8.68
C ALA B 223 -1.95 -15.86 7.30
N GLU B 224 -2.75 -15.97 6.27
CA GLU B 224 -2.21 -16.09 4.92
C GLU B 224 -3.10 -15.44 3.91
N LYS B 225 -2.53 -15.13 2.76
CA LYS B 225 -3.29 -14.55 1.70
C LYS B 225 -2.73 -14.95 0.34
N LEU B 226 -3.65 -15.42 -0.52
CA LEU B 226 -3.40 -15.67 -1.94
C LEU B 226 -4.12 -14.61 -2.72
N TRP B 227 -3.43 -13.92 -3.59
CA TRP B 227 -4.17 -12.95 -4.42
C TRP B 227 -3.58 -12.92 -5.83
N ILE B 228 -4.43 -12.51 -6.77
CA ILE B 228 -4.08 -12.61 -8.20
C ILE B 228 -3.98 -11.21 -8.73
N VAL B 229 -2.90 -10.89 -9.41
CA VAL B 229 -2.73 -9.61 -10.10
C VAL B 229 -2.67 -9.85 -11.65
N GLN B 230 -3.59 -9.24 -12.39
CA GLN B 230 -3.57 -9.27 -13.84
C GLN B 230 -2.41 -8.48 -14.30
N THR B 231 -1.78 -9.00 -15.34
CA THR B 231 -0.58 -8.39 -15.91
C THR B 231 -0.79 -8.05 -17.44
N PRO B 232 -1.78 -7.23 -17.78
CA PRO B 232 -2.06 -6.92 -19.23
C PRO B 232 -0.85 -6.43 -20.06
N ASN B 233 0.09 -5.69 -19.45
CA ASN B 233 1.29 -5.24 -20.18
C ASN B 233 2.23 -6.39 -20.58
N LEU B 234 2.21 -7.52 -19.89
CA LEU B 234 2.96 -8.74 -20.29
C LEU B 234 2.23 -9.70 -21.24
N ALA B 235 0.96 -9.49 -21.48
CA ALA B 235 0.23 -10.36 -22.40
C ALA B 235 -0.17 -9.60 -23.71
N ARG B 236 0.69 -8.72 -24.22
CA ARG B 236 0.23 -7.80 -25.29
C ARG B 236 1.20 -7.69 -26.46
#